data_3B4C
#
_entry.id   3B4C
#
_cell.length_a   178.3
_cell.length_b   40.4
_cell.length_c   77.5
_cell.angle_alpha   90
_cell.angle_beta   90
_cell.angle_gamma   90
#
_symmetry.space_group_name_H-M   'P 21 21 2'
#
loop_
_entity.id
_entity.type
_entity.pdbx_description
1 polymer "glmS ribozyme substrate with a 2'5'-phosphodiester linkage"
2 polymer 'glmS ribozyme RNA'
3 non-polymer 2-amino-2-deoxy-6-O-phosphono-alpha-D-glucopyranose
4 non-polymer 'MAGNESIUM ION'
5 non-polymer "3'-DEOXYADENOSINE"
6 water water
#
loop_
_entity_poly.entity_id
_entity_poly.type
_entity_poly.pdbx_seq_one_letter_code
_entity_poly.pdbx_strand_id
1 'polyribonucleotide' GCGCCUGGACUUAAAGCCAUUGCACU A
2 'polyribonucleotide'
;CCGGCUUUAAGUUGACGAGGGCAGGGUUUAUCGAGACAUCGGCGGGUGCCCUGCGGUCUUCCUGCGACCGUUAGAGGACU
GGUAAAACCACAGGCGACUGUGGCAUAGAGCAGUCCGGGCAGGAA
;
B
#